data_4GGB
#
_entry.id   4GGB
#
_cell.length_a   132.178
_cell.length_b   132.178
_cell.length_c   95.472
_cell.angle_alpha   90.000
_cell.angle_beta   90.000
_cell.angle_gamma   90.000
#
_symmetry.space_group_name_H-M   'I 4 2 2'
#
loop_
_entity.id
_entity.type
_entity.pdbx_description
1 polymer 'Putative uncharacterized protein'
2 non-polymer 'CALCIUM ION'
3 non-polymer 'CHLORIDE ION'
4 water water
#
_entity_poly.entity_id   1
_entity_poly.type   'polypeptide(L)'
_entity_poly.pdbx_seq_one_letter_code
;MKITAVRTHLLEHRLDTPFESASMRFDRRAHVLVEIECDDGTVGWGECLGPARPNAAVVQAYSGWLIGQDPRQTEKIWAV
LYNALRDQGQRGLSLTALSGIDIALWDIKGKHYGASISMLLGGRWRESVRAYATGSFKRDNVDRVSDNASEMAERRAEGF
HACKIKIGFGVEEDLRVIAAVREAIGPDMRLMIDANHGYTVTEAITLGDRAAGFGIDWFEEPVVPEQLDAYARVRAGQPI
PVAGGETWHGRYGMWQALSAGAVDILQPDLCGCGGFSEIQKIATLATLHGVRIVPHVWGTGVQIAAALQFMAAMTPDPVR
VNPIEPIMEFDRTHNPFRQAVLREPLEAVNGVVTIPDGPGLGIEINRDALTEFRMPDP
;
_entity_poly.pdbx_strand_id   A
#
loop_
_chem_comp.id
_chem_comp.type
_chem_comp.name
_chem_comp.formula
CA non-polymer 'CALCIUM ION' 'Ca 2'
CL non-polymer 'CHLORIDE ION' 'Cl -1'
#
# COMPACT_ATOMS: atom_id res chain seq x y z
N MET A 1 -19.29 -12.23 -20.17
CA MET A 1 -17.96 -12.64 -20.63
C MET A 1 -17.38 -13.70 -19.72
N LYS A 2 -16.28 -14.30 -20.15
CA LYS A 2 -15.65 -15.39 -19.40
C LYS A 2 -14.13 -15.26 -19.39
N ILE A 3 -13.54 -15.62 -18.26
CA ILE A 3 -12.09 -15.78 -18.19
C ILE A 3 -11.64 -17.00 -19.01
N THR A 4 -10.66 -16.79 -19.88
CA THR A 4 -10.13 -17.88 -20.67
C THR A 4 -8.75 -18.35 -20.20
N ALA A 5 -8.02 -17.48 -19.50
CA ALA A 5 -6.69 -17.84 -19.03
C ALA A 5 -6.22 -16.96 -17.88
N VAL A 6 -5.38 -17.53 -17.03
CA VAL A 6 -4.73 -16.79 -15.95
C VAL A 6 -3.24 -17.12 -16.00
N ARG A 7 -2.40 -16.09 -16.08
CA ARG A 7 -0.96 -16.30 -16.20
C ARG A 7 -0.23 -15.55 -15.10
N THR A 8 0.96 -16.02 -14.74
CA THR A 8 1.75 -15.35 -13.70
C THR A 8 3.07 -14.94 -14.32
N HIS A 9 3.54 -13.74 -13.99
CA HIS A 9 4.77 -13.23 -14.55
C HIS A 9 5.64 -12.71 -13.43
N LEU A 10 6.95 -12.59 -13.69
CA LEU A 10 7.91 -12.01 -12.75
C LEU A 10 8.54 -10.74 -13.30
N LEU A 11 8.81 -9.80 -12.40
CA LEU A 11 9.64 -8.58 -12.58
C LEU A 11 8.90 -7.26 -12.55
N HIS A 31 8.61 -10.06 -6.99
CA HIS A 31 7.32 -9.45 -7.35
C HIS A 31 6.60 -10.28 -8.43
N VAL A 32 5.45 -10.88 -8.10
CA VAL A 32 4.67 -11.60 -9.11
C VAL A 32 3.50 -10.79 -9.67
N LEU A 33 3.35 -10.84 -10.99
CA LEU A 33 2.23 -10.19 -11.66
C LEU A 33 1.24 -11.21 -12.17
N VAL A 34 -0.04 -10.86 -12.09
CA VAL A 34 -1.13 -11.72 -12.51
C VAL A 34 -1.79 -11.17 -13.76
N GLU A 35 -1.86 -11.98 -14.81
CA GLU A 35 -2.52 -11.59 -16.05
C GLU A 35 -3.73 -12.49 -16.26
N ILE A 36 -4.89 -11.88 -16.44
CA ILE A 36 -6.12 -12.63 -16.68
C ILE A 36 -6.70 -12.22 -18.01
N GLU A 37 -6.86 -13.18 -18.91
CA GLU A 37 -7.39 -12.90 -20.24
C GLU A 37 -8.82 -13.43 -20.35
N CYS A 38 -9.66 -12.69 -21.08
CA CYS A 38 -11.07 -13.06 -21.26
C CYS A 38 -11.38 -13.47 -22.70
N ASP A 39 -12.54 -14.10 -22.91
CA ASP A 39 -12.91 -14.59 -24.23
C ASP A 39 -12.99 -13.48 -25.27
N ASP A 40 -13.39 -12.29 -24.85
CA ASP A 40 -13.51 -11.19 -25.80
C ASP A 40 -12.17 -10.49 -26.01
N GLY A 41 -11.10 -11.03 -25.42
CA GLY A 41 -9.78 -10.47 -25.61
C GLY A 41 -9.31 -9.52 -24.52
N THR A 42 -10.24 -9.10 -23.65
CA THR A 42 -9.89 -8.18 -22.56
C THR A 42 -8.86 -8.79 -21.62
N VAL A 43 -7.83 -8.02 -21.30
CA VAL A 43 -6.78 -8.49 -20.40
C VAL A 43 -6.69 -7.56 -19.19
N GLY A 44 -6.64 -8.15 -18.00
CA GLY A 44 -6.45 -7.40 -16.77
C GLY A 44 -5.16 -7.80 -16.05
N TRP A 45 -4.60 -6.86 -15.31
CA TRP A 45 -3.34 -7.08 -14.64
C TRP A 45 -3.43 -6.78 -13.13
N GLY A 46 -2.76 -7.61 -12.34
CA GLY A 46 -2.70 -7.43 -10.90
C GLY A 46 -1.35 -7.85 -10.34
N GLU A 47 -1.19 -7.68 -9.04
CA GLU A 47 0.08 -7.94 -8.40
C GLU A 47 -0.17 -8.46 -6.98
N CYS A 48 0.72 -9.31 -6.50
CA CYS A 48 0.56 -9.94 -5.19
C CYS A 48 1.73 -9.52 -4.30
N LEU A 49 1.44 -9.22 -3.03
CA LEU A 49 2.49 -8.91 -2.06
C LEU A 49 3.28 -10.17 -1.70
N GLY A 50 4.58 -10.03 -1.52
CA GLY A 50 5.35 -11.11 -0.94
C GLY A 50 6.04 -12.01 -1.93
N PRO A 51 6.62 -13.11 -1.41
CA PRO A 51 7.41 -14.05 -2.21
C PRO A 51 6.68 -14.50 -3.47
N ALA A 52 7.36 -14.38 -4.60
CA ALA A 52 6.77 -14.65 -5.90
C ALA A 52 6.21 -16.08 -6.04
N ARG A 53 7.04 -17.08 -5.76
CA ARG A 53 6.65 -18.48 -5.99
C ARG A 53 5.41 -18.97 -5.20
N PRO A 54 5.34 -18.70 -3.88
CA PRO A 54 4.13 -19.12 -3.18
C PRO A 54 2.88 -18.48 -3.78
N ASN A 55 2.98 -17.19 -4.13
CA ASN A 55 1.83 -16.51 -4.70
C ASN A 55 1.42 -17.13 -6.03
N ALA A 56 2.40 -17.39 -6.89
CA ALA A 56 2.14 -17.97 -8.21
C ALA A 56 1.47 -19.34 -8.12
N ALA A 57 1.92 -20.17 -7.18
CA ALA A 57 1.36 -21.51 -7.03
C ALA A 57 -0.11 -21.44 -6.67
N VAL A 58 -0.45 -20.50 -5.78
CA VAL A 58 -1.82 -20.38 -5.30
C VAL A 58 -2.70 -19.79 -6.41
N VAL A 59 -2.15 -18.83 -7.16
CA VAL A 59 -2.88 -18.27 -8.29
C VAL A 59 -3.16 -19.37 -9.32
N GLN A 60 -2.15 -20.19 -9.59
CA GLN A 60 -2.33 -21.34 -10.48
C GLN A 60 -3.42 -22.26 -9.96
N ALA A 61 -3.37 -22.56 -8.66
CA ALA A 61 -4.44 -23.33 -8.03
C ALA A 61 -5.82 -22.65 -8.20
N TYR A 62 -5.90 -21.35 -7.92
CA TYR A 62 -7.15 -20.62 -8.05
C TYR A 62 -7.68 -20.69 -9.48
N SER A 63 -6.76 -20.74 -10.45
CA SER A 63 -7.13 -20.63 -11.86
C SER A 63 -7.94 -21.81 -12.35
N GLY A 64 -7.78 -22.95 -11.68
CA GLY A 64 -8.53 -24.14 -12.02
C GLY A 64 -10.02 -23.85 -12.01
N TRP A 65 -10.44 -23.05 -11.04
CA TRP A 65 -11.82 -22.64 -10.92
C TRP A 65 -12.16 -21.37 -11.75
N LEU A 66 -11.30 -20.35 -11.68
CA LEU A 66 -11.50 -19.10 -12.42
C LEU A 66 -11.84 -19.25 -13.90
N ILE A 67 -11.18 -20.19 -14.58
CA ILE A 67 -11.43 -20.37 -16.02
C ILE A 67 -12.91 -20.61 -16.28
N GLY A 68 -13.51 -19.82 -17.16
CA GLY A 68 -14.92 -19.97 -17.48
C GLY A 68 -15.83 -19.09 -16.62
N GLN A 69 -15.32 -18.57 -15.51
CA GLN A 69 -16.10 -17.67 -14.66
C GLN A 69 -16.25 -16.29 -15.27
N ASP A 70 -17.28 -15.58 -14.81
CA ASP A 70 -17.55 -14.22 -15.27
C ASP A 70 -16.72 -13.25 -14.43
N PRO A 71 -15.73 -12.59 -15.05
CA PRO A 71 -14.80 -11.70 -14.32
C PRO A 71 -15.47 -10.46 -13.72
N ARG A 72 -16.70 -10.20 -14.12
CA ARG A 72 -17.41 -9.03 -13.64
C ARG A 72 -17.92 -9.24 -12.22
N GLN A 73 -17.97 -10.50 -11.80
CA GLN A 73 -18.55 -10.84 -10.50
C GLN A 73 -17.48 -10.90 -9.40
N THR A 74 -16.83 -9.77 -9.16
CA THR A 74 -15.64 -9.73 -8.31
C THR A 74 -15.87 -10.11 -6.84
N GLU A 75 -17.04 -9.77 -6.28
CA GLU A 75 -17.33 -10.12 -4.89
C GLU A 75 -17.57 -11.63 -4.72
N LYS A 76 -18.29 -12.21 -5.66
CA LYS A 76 -18.59 -13.63 -5.61
C LYS A 76 -17.29 -14.41 -5.79
N ILE A 77 -16.48 -14.00 -6.77
CA ILE A 77 -15.19 -14.63 -7.00
C ILE A 77 -14.30 -14.52 -5.76
N TRP A 78 -14.23 -13.32 -5.18
CA TRP A 78 -13.41 -13.11 -3.98
C TRP A 78 -13.80 -14.11 -2.90
N ALA A 79 -15.10 -14.18 -2.61
CA ALA A 79 -15.55 -14.94 -1.45
C ALA A 79 -15.39 -16.44 -1.67
N VAL A 80 -15.63 -16.88 -2.90
CA VAL A 80 -15.48 -18.30 -3.20
C VAL A 80 -14.01 -18.71 -3.05
N LEU A 81 -13.12 -17.92 -3.63
CA LEU A 81 -11.69 -18.23 -3.59
C LEU A 81 -11.14 -18.11 -2.17
N TYR A 82 -11.52 -17.05 -1.46
CA TYR A 82 -11.08 -16.93 -0.07
C TYR A 82 -11.53 -18.11 0.78
N ASN A 83 -12.78 -18.53 0.61
CA ASN A 83 -13.28 -19.64 1.38
C ASN A 83 -12.58 -20.96 1.04
N ALA A 84 -12.12 -21.09 -0.21
CA ALA A 84 -11.50 -22.34 -0.64
C ALA A 84 -10.22 -22.65 0.13
N LEU A 85 -9.48 -21.62 0.55
CA LEU A 85 -8.19 -21.86 1.20
C LEU A 85 -8.18 -21.75 2.73
N ARG A 86 -9.34 -21.78 3.36
CA ARG A 86 -9.42 -21.61 4.81
C ARG A 86 -8.67 -22.61 5.70
N ASP A 87 -8.84 -23.91 5.47
CA ASP A 87 -8.18 -24.89 6.36
C ASP A 87 -6.72 -25.20 6.00
N GLN A 88 -6.14 -24.45 5.07
CA GLN A 88 -4.74 -24.68 4.73
C GLN A 88 -3.82 -23.87 5.66
N GLY A 89 -4.44 -23.02 6.47
CA GLY A 89 -3.74 -22.32 7.55
C GLY A 89 -3.12 -21.01 7.12
N GLN A 90 -3.09 -20.79 5.83
CA GLN A 90 -2.27 -19.72 5.29
C GLN A 90 -3.12 -18.54 4.86
N ARG A 91 -3.85 -17.96 5.81
N ARG A 91 -3.83 -17.96 5.82
CA ARG A 91 -4.75 -16.86 5.53
CA ARG A 91 -4.73 -16.84 5.57
C ARG A 91 -4.07 -15.71 4.77
C ARG A 91 -4.08 -15.70 4.79
N GLY A 92 -2.90 -15.30 5.24
CA GLY A 92 -2.17 -14.21 4.61
C GLY A 92 -1.83 -14.49 3.16
N LEU A 93 -1.38 -15.72 2.90
CA LEU A 93 -1.08 -16.13 1.53
C LEU A 93 -2.33 -16.14 0.66
N SER A 94 -3.46 -16.59 1.21
CA SER A 94 -4.73 -16.52 0.46
C SER A 94 -4.99 -15.09 0.04
N LEU A 95 -4.73 -14.15 0.94
CA LEU A 95 -5.09 -12.76 0.68
C LEU A 95 -4.14 -12.10 -0.31
N THR A 96 -2.84 -12.37 -0.17
CA THR A 96 -1.88 -11.81 -1.13
C THR A 96 -2.12 -12.39 -2.53
N ALA A 97 -2.38 -13.69 -2.62
CA ALA A 97 -2.67 -14.29 -3.92
C ALA A 97 -3.98 -13.77 -4.53
N LEU A 98 -5.03 -13.75 -3.71
CA LEU A 98 -6.33 -13.23 -4.11
C LEU A 98 -6.23 -11.77 -4.55
N SER A 99 -5.35 -11.02 -3.88
CA SER A 99 -5.16 -9.61 -4.19
C SER A 99 -4.79 -9.42 -5.66
N GLY A 100 -3.85 -10.24 -6.13
CA GLY A 100 -3.39 -10.14 -7.51
C GLY A 100 -4.53 -10.39 -8.47
N ILE A 101 -5.29 -11.44 -8.20
CA ILE A 101 -6.45 -11.77 -9.01
C ILE A 101 -7.48 -10.67 -8.95
N ASP A 102 -7.72 -10.17 -7.76
CA ASP A 102 -8.77 -9.17 -7.56
C ASP A 102 -8.45 -7.88 -8.31
N ILE A 103 -7.19 -7.44 -8.24
CA ILE A 103 -6.77 -6.25 -8.95
C ILE A 103 -6.93 -6.43 -10.47
N ALA A 104 -6.49 -7.58 -10.99
CA ALA A 104 -6.67 -7.87 -12.42
C ALA A 104 -8.13 -7.87 -12.84
N LEU A 105 -8.98 -8.41 -11.99
CA LEU A 105 -10.41 -8.46 -12.28
C LEU A 105 -11.03 -7.06 -12.36
N TRP A 106 -10.67 -6.18 -11.43
CA TRP A 106 -11.15 -4.79 -11.47
C TRP A 106 -10.59 -4.07 -12.72
N ASP A 107 -9.36 -4.38 -13.09
CA ASP A 107 -8.78 -3.84 -14.31
C ASP A 107 -9.66 -4.27 -15.50
N ILE A 108 -9.99 -5.56 -15.56
CA ILE A 108 -10.91 -6.08 -16.58
C ILE A 108 -12.29 -5.42 -16.52
N LYS A 109 -12.84 -5.21 -15.32
CA LYS A 109 -14.15 -4.56 -15.21
C LYS A 109 -14.10 -3.17 -15.80
N GLY A 110 -13.07 -2.41 -15.42
CA GLY A 110 -12.89 -1.06 -15.90
C GLY A 110 -12.81 -1.01 -17.42
N LYS A 111 -12.07 -1.95 -18.00
CA LYS A 111 -11.94 -2.02 -19.47
C LYS A 111 -13.25 -2.44 -20.13
N HIS A 112 -13.95 -3.39 -19.54
CA HIS A 112 -15.21 -3.84 -20.07
C HIS A 112 -16.24 -2.70 -20.03
N TYR A 113 -16.29 -2.02 -18.90
CA TYR A 113 -17.30 -0.98 -18.67
C TYR A 113 -16.92 0.38 -19.23
N GLY A 114 -15.68 0.53 -19.67
CA GLY A 114 -15.18 1.83 -20.14
C GLY A 114 -14.96 2.85 -19.03
N ALA A 115 -14.54 2.38 -17.86
CA ALA A 115 -14.43 3.25 -16.69
C ALA A 115 -13.11 3.05 -15.95
N SER A 116 -12.54 4.14 -15.45
CA SER A 116 -11.43 4.08 -14.52
C SER A 116 -11.89 3.31 -13.28
N ILE A 117 -11.00 2.52 -12.69
CA ILE A 117 -11.32 1.86 -11.41
C ILE A 117 -11.78 2.89 -10.35
N SER A 118 -11.14 4.05 -10.33
CA SER A 118 -11.50 5.09 -9.36
C SER A 118 -12.97 5.54 -9.51
N MET A 119 -13.46 5.49 -10.74
CA MET A 119 -14.87 5.80 -10.99
C MET A 119 -15.77 4.65 -10.52
N LEU A 120 -15.39 3.42 -10.87
CA LEU A 120 -16.10 2.23 -10.39
C LEU A 120 -16.15 2.16 -8.85
N LEU A 121 -15.09 2.64 -8.20
CA LEU A 121 -15.04 2.63 -6.74
C LEU A 121 -15.95 3.71 -6.15
N GLY A 122 -16.45 4.62 -7.00
CA GLY A 122 -17.41 5.60 -6.54
C GLY A 122 -17.11 7.06 -6.85
N GLY A 123 -16.04 7.34 -7.59
CA GLY A 123 -15.77 8.67 -8.05
C GLY A 123 -14.42 9.22 -7.67
N ARG A 124 -13.96 10.22 -8.41
CA ARG A 124 -12.64 10.80 -8.20
C ARG A 124 -12.71 12.08 -7.36
N TRP A 125 -12.29 11.96 -6.11
CA TRP A 125 -12.19 13.12 -5.23
C TRP A 125 -11.02 14.02 -5.61
N ARG A 126 -9.99 13.43 -6.22
CA ARG A 126 -8.73 14.13 -6.48
C ARG A 126 -8.09 13.56 -7.74
N GLU A 127 -7.41 14.41 -8.51
CA GLU A 127 -6.73 13.94 -9.72
C GLU A 127 -5.25 13.65 -9.48
N SER A 128 -4.77 14.01 -8.29
CA SER A 128 -3.39 13.73 -7.94
C SER A 128 -3.25 13.57 -6.44
N VAL A 129 -2.08 13.10 -6.00
CA VAL A 129 -1.79 13.07 -4.57
C VAL A 129 -0.39 13.62 -4.35
N ARG A 130 -0.15 14.17 -3.16
CA ARG A 130 1.20 14.55 -2.81
C ARG A 130 1.97 13.30 -2.40
N ALA A 131 3.21 13.20 -2.86
CA ALA A 131 4.09 12.09 -2.51
C ALA A 131 4.95 12.48 -1.32
N TYR A 132 5.36 11.48 -0.53
CA TYR A 132 6.43 11.70 0.44
C TYR A 132 7.59 10.77 0.11
N ALA A 133 8.80 11.23 0.40
CA ALA A 133 9.99 10.53 -0.05
C ALA A 133 10.48 9.61 1.07
N THR A 134 10.83 8.38 0.72
CA THR A 134 11.30 7.46 1.76
C THR A 134 12.78 7.13 1.57
N GLY A 135 13.52 6.98 2.66
CA GLY A 135 14.95 6.74 2.54
C GLY A 135 15.44 5.47 3.21
N ASP A 143 27.96 5.59 7.78
CA ASP A 143 27.56 6.88 8.32
C ASP A 143 26.10 7.17 8.02
N ARG A 144 25.24 6.74 8.92
CA ARG A 144 23.80 6.79 8.70
C ARG A 144 23.23 8.18 8.95
N VAL A 145 23.89 8.95 9.80
CA VAL A 145 23.39 10.28 10.15
C VAL A 145 23.51 11.26 8.99
N SER A 146 24.72 11.43 8.48
CA SER A 146 24.96 12.36 7.38
C SER A 146 24.27 11.94 6.08
N ASP A 147 24.22 10.63 5.83
CA ASP A 147 23.58 10.10 4.61
C ASP A 147 22.08 10.39 4.57
N ASN A 148 21.40 10.15 5.69
CA ASN A 148 19.98 10.50 5.77
C ASN A 148 19.78 12.00 5.59
N ALA A 149 20.61 12.78 6.29
CA ALA A 149 20.51 14.24 6.23
C ALA A 149 20.70 14.78 4.81
N SER A 150 21.73 14.30 4.13
CA SER A 150 21.99 14.70 2.74
C SER A 150 20.82 14.31 1.84
N GLU A 151 20.48 13.02 1.88
CA GLU A 151 19.45 12.46 1.01
C GLU A 151 18.12 13.19 1.17
N MET A 152 17.70 13.38 2.43
CA MET A 152 16.45 14.06 2.72
C MET A 152 16.49 15.53 2.29
N ALA A 153 17.65 16.16 2.41
CA ALA A 153 17.84 17.53 1.93
C ALA A 153 17.63 17.61 0.41
N GLU A 154 18.06 16.59 -0.31
CA GLU A 154 17.85 16.56 -1.77
C GLU A 154 16.36 16.35 -2.11
N ARG A 155 15.71 15.44 -1.38
CA ARG A 155 14.28 15.21 -1.58
C ARG A 155 13.47 16.51 -1.45
N ARG A 156 13.78 17.31 -0.44
CA ARG A 156 13.13 18.63 -0.28
C ARG A 156 13.34 19.52 -1.51
N ALA A 157 14.57 19.51 -2.03
CA ALA A 157 14.88 20.32 -3.21
C ALA A 157 14.09 19.82 -4.43
N GLU A 158 13.86 18.51 -4.46
CA GLU A 158 13.07 17.88 -5.53
C GLU A 158 11.56 18.20 -5.44
N GLY A 159 11.13 18.78 -4.32
CA GLY A 159 9.76 19.24 -4.21
C GLY A 159 8.83 18.45 -3.28
N PHE A 160 9.33 17.35 -2.73
CA PHE A 160 8.52 16.56 -1.80
C PHE A 160 8.12 17.36 -0.57
N HIS A 161 6.83 17.34 -0.22
CA HIS A 161 6.35 18.09 0.95
C HIS A 161 6.74 17.38 2.25
N ALA A 162 7.19 16.13 2.13
CA ALA A 162 7.39 15.30 3.30
C ALA A 162 8.37 14.16 3.02
N CYS A 163 8.96 13.63 4.09
CA CYS A 163 9.78 12.43 3.96
C CYS A 163 9.64 11.51 5.16
N LYS A 164 10.01 10.24 4.97
CA LYS A 164 9.93 9.25 6.03
C LYS A 164 11.29 8.58 6.19
N ILE A 165 11.81 8.54 7.41
CA ILE A 165 13.13 7.98 7.63
C ILE A 165 13.04 6.69 8.41
N LYS A 166 13.99 5.80 8.14
CA LYS A 166 13.93 4.47 8.72
C LYS A 166 14.72 4.45 10.03
N ILE A 167 14.08 4.01 11.11
CA ILE A 167 14.75 3.84 12.40
C ILE A 167 14.56 2.41 12.96
N GLY A 168 14.62 2.28 14.29
CA GLY A 168 14.40 1.00 14.94
C GLY A 168 15.69 0.22 15.20
N PHE A 169 16.81 0.93 15.22
CA PHE A 169 18.10 0.28 15.41
C PHE A 169 18.64 0.46 16.82
N GLY A 170 18.32 1.60 17.42
CA GLY A 170 18.86 1.96 18.71
C GLY A 170 18.44 3.39 18.99
N VAL A 171 17.85 3.61 20.15
CA VAL A 171 17.30 4.92 20.50
C VAL A 171 18.26 6.09 20.31
N GLU A 172 19.47 6.01 20.85
CA GLU A 172 20.39 7.14 20.78
C GLU A 172 20.81 7.46 19.34
N GLU A 173 21.17 6.44 18.59
CA GLU A 173 21.57 6.62 17.20
C GLU A 173 20.39 7.12 16.35
N ASP A 174 19.21 6.55 16.59
CA ASP A 174 18.03 6.96 15.84
C ASP A 174 17.69 8.43 16.08
N LEU A 175 17.82 8.86 17.32
CA LEU A 175 17.60 10.27 17.64
C LEU A 175 18.58 11.19 16.93
N ARG A 176 19.84 10.76 16.84
CA ARG A 176 20.85 11.56 16.14
C ARG A 176 20.43 11.75 14.67
N VAL A 177 19.92 10.68 14.08
CA VAL A 177 19.46 10.70 12.71
C VAL A 177 18.26 11.65 12.55
N ILE A 178 17.26 11.47 13.40
CA ILE A 178 16.08 12.33 13.36
C ILE A 178 16.47 13.80 13.50
N ALA A 179 17.34 14.10 14.47
CA ALA A 179 17.78 15.49 14.68
C ALA A 179 18.48 16.07 13.46
N ALA A 180 19.37 15.28 12.86
CA ALA A 180 20.10 15.76 11.69
C ALA A 180 19.18 15.94 10.48
N VAL A 181 18.19 15.06 10.34
CA VAL A 181 17.25 15.20 9.22
C VAL A 181 16.38 16.46 9.35
N ARG A 182 15.90 16.74 10.56
CA ARG A 182 15.08 17.93 10.78
C ARG A 182 15.87 19.20 10.47
N GLU A 183 17.14 19.21 10.89
CA GLU A 183 18.00 20.35 10.66
C GLU A 183 18.18 20.55 9.16
N ALA A 184 18.46 19.45 8.46
CA ALA A 184 18.74 19.49 7.03
C ALA A 184 17.52 19.90 6.17
N ILE A 185 16.33 19.51 6.59
CA ILE A 185 15.14 19.77 5.74
C ILE A 185 14.41 21.07 6.07
N GLY A 186 14.88 21.80 7.08
CA GLY A 186 14.23 23.02 7.50
C GLY A 186 12.98 22.74 8.33
N PRO A 187 12.32 23.80 8.80
CA PRO A 187 11.25 23.67 9.79
C PRO A 187 9.89 23.30 9.22
N ASP A 188 9.72 23.44 7.90
CA ASP A 188 8.40 23.26 7.27
C ASP A 188 8.09 21.85 6.74
N MET A 189 9.06 21.21 6.12
CA MET A 189 8.87 19.88 5.55
C MET A 189 8.41 18.87 6.61
N ARG A 190 7.42 18.06 6.26
CA ARG A 190 6.89 17.09 7.22
C ARG A 190 7.83 15.89 7.31
N LEU A 191 7.85 15.28 8.48
CA LEU A 191 8.79 14.20 8.79
C LEU A 191 8.04 13.05 9.46
N MET A 192 8.19 11.85 8.90
CA MET A 192 7.63 10.66 9.52
C MET A 192 8.77 9.68 9.82
N ILE A 193 8.56 8.80 10.79
CA ILE A 193 9.58 7.79 11.12
C ILE A 193 8.98 6.39 11.11
N ASP A 194 9.80 5.41 10.73
CA ASP A 194 9.36 4.02 10.54
C ASP A 194 10.40 3.12 11.18
N ALA A 195 10.01 2.36 12.20
CA ALA A 195 10.95 1.49 12.93
C ALA A 195 10.95 0.05 12.40
N ASN A 196 10.04 -0.21 11.47
CA ASN A 196 9.85 -1.57 10.94
C ASN A 196 9.93 -2.65 12.02
N HIS A 197 9.09 -2.48 13.05
CA HIS A 197 9.06 -3.36 14.25
C HIS A 197 10.41 -3.60 14.89
N GLY A 198 11.30 -2.61 14.86
CA GLY A 198 12.62 -2.79 15.44
C GLY A 198 12.74 -2.63 16.95
N TYR A 199 11.75 -2.00 17.57
CA TYR A 199 11.84 -1.60 18.99
C TYR A 199 11.06 -2.52 19.94
N THR A 200 11.52 -2.57 21.20
CA THR A 200 10.67 -3.02 22.31
C THR A 200 9.72 -1.88 22.59
N VAL A 201 8.65 -2.13 23.35
CA VAL A 201 7.73 -1.07 23.76
C VAL A 201 8.47 0.07 24.44
N THR A 202 9.38 -0.28 25.35
CA THR A 202 10.08 0.74 26.12
C THR A 202 10.96 1.63 25.22
N GLU A 203 11.67 1.01 24.28
CA GLU A 203 12.48 1.77 23.33
C GLU A 203 11.60 2.73 22.54
N ALA A 204 10.44 2.23 22.11
CA ALA A 204 9.57 3.01 21.23
C ALA A 204 8.99 4.20 21.98
N ILE A 205 8.59 3.97 23.23
CA ILE A 205 8.02 5.05 24.04
C ILE A 205 9.08 6.09 24.32
N THR A 206 10.29 5.62 24.68
CA THR A 206 11.41 6.54 24.93
C THR A 206 11.78 7.33 23.67
N LEU A 207 11.85 6.64 22.53
CA LEU A 207 12.18 7.33 21.29
C LEU A 207 11.13 8.41 20.99
N GLY A 208 9.85 8.02 21.05
CA GLY A 208 8.75 8.91 20.73
C GLY A 208 8.74 10.13 21.63
N ASP A 209 8.97 9.92 22.92
CA ASP A 209 9.01 11.04 23.87
C ASP A 209 10.11 12.03 23.49
N ARG A 210 11.29 11.52 23.16
CA ARG A 210 12.44 12.38 22.88
C ARG A 210 12.46 12.95 21.46
N ALA A 211 11.81 12.29 20.52
CA ALA A 211 11.81 12.78 19.14
C ALA A 211 10.66 13.73 18.85
N ALA A 212 9.62 13.68 19.68
CA ALA A 212 8.39 14.44 19.43
C ALA A 212 8.69 15.93 19.19
N GLY A 213 9.69 16.45 19.89
CA GLY A 213 10.09 17.83 19.77
C GLY A 213 10.62 18.21 18.40
N PHE A 214 10.86 17.22 17.54
CA PHE A 214 11.38 17.51 16.20
C PHE A 214 10.28 17.72 15.16
N GLY A 215 9.03 17.43 15.54
CA GLY A 215 7.91 17.62 14.65
C GLY A 215 7.72 16.43 13.72
N ILE A 216 7.07 15.39 14.24
CA ILE A 216 6.94 14.10 13.55
C ILE A 216 5.46 13.81 13.33
N ASP A 217 5.05 13.61 12.07
CA ASP A 217 3.62 13.41 11.76
C ASP A 217 3.11 12.01 12.09
N TRP A 218 3.98 11.01 12.04
CA TRP A 218 3.63 9.67 12.47
C TRP A 218 4.81 8.76 12.74
N PHE A 219 4.54 7.69 13.46
CA PHE A 219 5.55 6.77 13.96
C PHE A 219 5.10 5.40 13.50
N GLU A 220 5.73 4.90 12.45
CA GLU A 220 5.28 3.68 11.77
C GLU A 220 5.86 2.39 12.36
N GLU A 221 4.97 1.42 12.61
CA GLU A 221 5.32 0.09 13.08
C GLU A 221 6.41 0.08 14.16
N PRO A 222 6.12 0.69 15.32
CA PRO A 222 7.14 0.77 16.38
C PRO A 222 7.53 -0.60 16.93
N VAL A 223 6.61 -1.55 16.97
CA VAL A 223 6.83 -2.85 17.59
C VAL A 223 6.36 -3.98 16.69
N VAL A 224 6.61 -5.23 17.09
CA VAL A 224 6.24 -6.37 16.25
C VAL A 224 4.74 -6.38 15.95
N PRO A 225 4.38 -6.78 14.72
CA PRO A 225 2.98 -6.59 14.31
C PRO A 225 1.98 -7.56 14.96
N GLU A 226 2.44 -8.59 15.65
CA GLU A 226 1.51 -9.52 16.31
C GLU A 226 0.99 -8.98 17.65
N GLN A 227 1.69 -8.00 18.22
CA GLN A 227 1.39 -7.52 19.57
C GLN A 227 0.61 -6.22 19.49
N LEU A 228 -0.68 -6.35 19.23
CA LEU A 228 -1.55 -5.18 19.05
C LEU A 228 -1.65 -4.35 20.30
N ASP A 229 -1.63 -5.01 21.46
CA ASP A 229 -1.68 -4.28 22.72
C ASP A 229 -0.41 -3.50 22.96
N ALA A 230 0.70 -3.98 22.40
CA ALA A 230 1.95 -3.22 22.50
C ALA A 230 1.85 -1.93 21.68
N TYR A 231 1.23 -2.02 20.50
CA TYR A 231 0.98 -0.83 19.69
C TYR A 231 0.22 0.22 20.52
N ALA A 232 -0.88 -0.24 21.13
CA ALA A 232 -1.71 0.60 21.97
C ALA A 232 -0.86 1.19 23.10
N ARG A 233 0.00 0.36 23.69
CA ARG A 233 0.93 0.86 24.71
C ARG A 233 1.79 2.01 24.18
N VAL A 234 2.34 1.85 22.98
CA VAL A 234 3.14 2.90 22.39
C VAL A 234 2.31 4.16 22.12
N ARG A 235 1.07 3.98 21.66
CA ARG A 235 0.18 5.12 21.44
C ARG A 235 -0.11 5.89 22.72
N ALA A 236 -0.24 5.18 23.83
CA ALA A 236 -0.61 5.85 25.07
C ALA A 236 0.60 6.42 25.82
N GLY A 237 1.81 5.97 25.46
CA GLY A 237 2.97 6.34 26.23
C GLY A 237 3.79 7.48 25.66
N GLN A 238 3.57 7.81 24.39
CA GLN A 238 4.28 8.90 23.75
C GLN A 238 3.33 9.61 22.76
N PRO A 239 3.64 10.86 22.37
CA PRO A 239 2.64 11.66 21.65
C PRO A 239 2.67 11.63 20.11
N ILE A 240 3.64 10.99 19.46
CA ILE A 240 3.58 10.92 17.99
C ILE A 240 2.51 9.93 17.54
N PRO A 241 1.68 10.30 16.56
CA PRO A 241 0.63 9.39 16.07
C PRO A 241 1.21 8.07 15.54
N VAL A 242 0.61 6.93 15.86
CA VAL A 242 1.17 5.65 15.48
C VAL A 242 0.48 5.13 14.22
N ALA A 243 1.27 4.59 13.31
CA ALA A 243 0.74 4.04 12.06
C ALA A 243 1.15 2.58 11.91
N GLY A 244 0.31 1.79 11.25
CA GLY A 244 0.64 0.42 10.98
C GLY A 244 -0.39 -0.20 10.07
N GLY A 245 -0.17 -1.44 9.67
CA GLY A 245 -1.19 -2.18 8.96
C GLY A 245 -0.75 -2.91 7.71
N GLU A 246 0.47 -2.69 7.24
CA GLU A 246 0.88 -3.30 5.98
C GLU A 246 0.87 -4.84 5.98
N THR A 247 0.82 -5.45 7.16
CA THR A 247 0.78 -6.91 7.25
C THR A 247 -0.35 -7.47 8.12
N TRP A 248 -1.40 -6.67 8.33
CA TRP A 248 -2.52 -7.13 9.15
C TRP A 248 -3.68 -7.71 8.31
N HIS A 249 -3.32 -8.44 7.25
CA HIS A 249 -4.29 -9.24 6.51
C HIS A 249 -5.49 -8.41 6.02
N GLY A 250 -6.69 -8.97 6.10
CA GLY A 250 -7.87 -8.33 5.52
C GLY A 250 -8.77 -7.72 6.58
N ARG A 251 -10.08 -7.76 6.37
CA ARG A 251 -11.01 -7.08 7.27
C ARG A 251 -10.88 -7.54 8.72
N TYR A 252 -10.63 -8.83 8.95
CA TYR A 252 -10.59 -9.31 10.33
C TYR A 252 -9.32 -8.86 11.05
N GLY A 253 -8.18 -8.96 10.37
CA GLY A 253 -6.93 -8.51 10.93
C GLY A 253 -6.94 -7.01 11.21
N MET A 254 -7.48 -6.24 10.26
CA MET A 254 -7.62 -4.79 10.44
C MET A 254 -8.55 -4.46 11.61
N TRP A 255 -9.66 -5.16 11.69
CA TRP A 255 -10.62 -4.91 12.76
C TRP A 255 -10.04 -5.23 14.15
N GLN A 256 -9.20 -6.27 14.24
CA GLN A 256 -8.55 -6.57 15.51
C GLN A 256 -7.65 -5.42 15.93
N ALA A 257 -6.89 -4.87 14.99
CA ALA A 257 -6.02 -3.76 15.32
C ALA A 257 -6.83 -2.53 15.71
N LEU A 258 -7.91 -2.27 14.96
CA LEU A 258 -8.75 -1.11 15.30
C LEU A 258 -9.38 -1.29 16.68
N SER A 259 -9.84 -2.50 16.98
CA SER A 259 -10.47 -2.75 18.28
C SER A 259 -9.50 -2.62 19.44
N ALA A 260 -8.23 -2.94 19.20
CA ALA A 260 -7.22 -2.89 20.25
C ALA A 260 -6.75 -1.44 20.45
N GLY A 261 -7.17 -0.54 19.58
CA GLY A 261 -6.67 0.83 19.62
C GLY A 261 -5.20 0.88 19.22
N ALA A 262 -4.82 0.04 18.26
CA ALA A 262 -3.42 -0.09 17.90
C ALA A 262 -2.85 1.13 17.17
N VAL A 263 -3.69 1.80 16.38
CA VAL A 263 -3.14 2.82 15.46
C VAL A 263 -3.98 4.10 15.32
N ASP A 264 -3.30 5.19 14.99
CA ASP A 264 -3.97 6.43 14.60
C ASP A 264 -4.16 6.46 13.10
N ILE A 265 -3.24 5.78 12.41
CA ILE A 265 -3.25 5.70 10.96
C ILE A 265 -3.15 4.25 10.50
N LEU A 266 -4.10 3.80 9.68
CA LEU A 266 -4.07 2.44 9.15
C LEU A 266 -3.45 2.43 7.75
N GLN A 267 -2.54 1.49 7.48
CA GLN A 267 -1.86 1.45 6.19
C GLN A 267 -2.02 0.14 5.43
N PRO A 268 -3.24 -0.14 4.92
CA PRO A 268 -3.46 -1.39 4.16
C PRO A 268 -2.69 -1.40 2.86
N ASP A 269 -2.19 -2.59 2.50
CA ASP A 269 -1.51 -2.80 1.22
C ASP A 269 -2.52 -3.43 0.26
N LEU A 270 -2.80 -2.74 -0.83
CA LEU A 270 -3.74 -3.25 -1.83
C LEU A 270 -3.37 -4.64 -2.33
N CYS A 271 -2.08 -4.87 -2.53
CA CYS A 271 -1.67 -6.14 -3.10
C CYS A 271 -1.53 -7.21 -2.01
N GLY A 272 -1.86 -6.86 -0.77
CA GLY A 272 -1.68 -7.77 0.36
C GLY A 272 -2.94 -8.06 1.16
N CYS A 273 -3.85 -7.10 1.20
CA CYS A 273 -5.00 -7.20 2.08
C CYS A 273 -6.24 -7.82 1.41
N GLY A 274 -6.14 -8.15 0.13
CA GLY A 274 -7.31 -8.67 -0.58
C GLY A 274 -7.80 -7.80 -1.75
N GLY A 275 -6.96 -6.90 -2.21
CA GLY A 275 -7.29 -6.15 -3.42
C GLY A 275 -8.35 -5.09 -3.21
N PHE A 276 -8.91 -4.58 -4.30
CA PHE A 276 -9.84 -3.48 -4.19
C PHE A 276 -11.08 -3.91 -3.40
N SER A 277 -11.52 -5.14 -3.59
CA SER A 277 -12.73 -5.62 -2.95
C SER A 277 -12.57 -5.52 -1.42
N GLU A 278 -11.41 -5.93 -0.93
CA GLU A 278 -11.23 -6.00 0.51
C GLU A 278 -10.80 -4.66 1.11
N ILE A 279 -10.02 -3.86 0.37
CA ILE A 279 -9.59 -2.59 0.94
C ILE A 279 -10.76 -1.61 1.09
N GLN A 280 -11.79 -1.77 0.26
CA GLN A 280 -12.99 -0.94 0.41
C GLN A 280 -13.65 -1.20 1.75
N LYS A 281 -13.62 -2.46 2.18
CA LYS A 281 -14.27 -2.86 3.42
C LYS A 281 -13.42 -2.36 4.59
N ILE A 282 -12.11 -2.44 4.44
CA ILE A 282 -11.20 -1.91 5.44
C ILE A 282 -11.40 -0.40 5.64
N ALA A 283 -11.58 0.33 4.54
CA ALA A 283 -11.79 1.79 4.63
C ALA A 283 -13.05 2.10 5.41
N THR A 284 -14.08 1.29 5.21
CA THR A 284 -15.34 1.45 5.94
C THR A 284 -15.10 1.33 7.44
N LEU A 285 -14.39 0.26 7.84
CA LEU A 285 -14.10 0.01 9.25
C LEU A 285 -13.35 1.15 9.89
N ALA A 286 -12.42 1.73 9.13
CA ALA A 286 -11.61 2.82 9.64
C ALA A 286 -12.45 4.06 9.95
N THR A 287 -13.55 4.24 9.20
CA THR A 287 -14.39 5.41 9.43
C THR A 287 -15.17 5.31 10.70
N LEU A 288 -15.46 4.09 11.12
CA LEU A 288 -16.21 3.92 12.36
C LEU A 288 -15.35 4.46 13.49
N HIS A 289 -14.05 4.19 13.39
CA HIS A 289 -13.11 4.52 14.45
C HIS A 289 -12.49 5.90 14.29
N GLY A 290 -12.84 6.60 13.22
CA GLY A 290 -12.20 7.87 12.90
C GLY A 290 -10.69 7.68 12.76
N VAL A 291 -10.29 6.54 12.18
CA VAL A 291 -8.88 6.27 11.95
C VAL A 291 -8.54 6.57 10.48
N ARG A 292 -7.49 7.34 10.27
CA ARG A 292 -7.10 7.73 8.92
C ARG A 292 -6.55 6.53 8.15
N ILE A 293 -6.90 6.45 6.87
CA ILE A 293 -6.30 5.48 5.96
C ILE A 293 -5.22 6.18 5.15
N VAL A 294 -4.01 5.62 5.18
CA VAL A 294 -2.95 5.97 4.22
C VAL A 294 -2.41 4.69 3.60
N PRO A 295 -2.82 4.39 2.36
CA PRO A 295 -2.46 3.11 1.71
C PRO A 295 -0.95 2.89 1.65
N HIS A 296 -0.51 1.68 1.99
CA HIS A 296 0.87 1.28 1.79
C HIS A 296 1.14 1.24 0.28
N VAL A 297 2.19 1.91 -0.17
CA VAL A 297 2.56 1.86 -1.59
C VAL A 297 3.97 1.27 -1.68
N TRP A 298 4.08 0.11 -2.32
CA TRP A 298 5.36 -0.57 -2.51
C TRP A 298 5.19 -1.79 -3.41
N GLY A 299 6.08 -1.92 -4.40
CA GLY A 299 5.93 -2.99 -5.37
C GLY A 299 6.20 -2.46 -6.77
N THR A 300 5.70 -3.15 -7.79
CA THR A 300 5.94 -2.70 -9.15
C THR A 300 4.97 -1.60 -9.50
N GLY A 301 5.14 -1.04 -10.69
CA GLY A 301 4.22 -0.06 -11.21
C GLY A 301 2.76 -0.49 -11.16
N VAL A 302 2.49 -1.80 -11.22
CA VAL A 302 1.11 -2.27 -11.14
C VAL A 302 0.50 -1.99 -9.77
N GLN A 303 1.20 -2.37 -8.71
CA GLN A 303 0.74 -2.10 -7.35
C GLN A 303 0.55 -0.60 -7.17
N ILE A 304 1.51 0.19 -7.66
CA ILE A 304 1.42 1.64 -7.52
C ILE A 304 0.18 2.14 -8.24
N ALA A 305 -0.03 1.70 -9.48
CA ALA A 305 -1.23 2.10 -10.23
C ALA A 305 -2.53 1.75 -9.49
N ALA A 306 -2.57 0.58 -8.86
CA ALA A 306 -3.77 0.18 -8.15
C ALA A 306 -4.01 1.09 -6.94
N ALA A 307 -2.95 1.33 -6.19
CA ALA A 307 -3.00 2.20 -5.01
C ALA A 307 -3.53 3.59 -5.36
N LEU A 308 -3.04 4.14 -6.47
CA LEU A 308 -3.45 5.46 -6.92
C LEU A 308 -4.94 5.53 -7.30
N GLN A 309 -5.46 4.47 -7.92
CA GLN A 309 -6.89 4.42 -8.21
C GLN A 309 -7.70 4.47 -6.91
N PHE A 310 -7.25 3.71 -5.92
CA PHE A 310 -7.92 3.74 -4.62
C PHE A 310 -7.80 5.13 -3.99
N MET A 311 -6.61 5.72 -4.03
CA MET A 311 -6.42 7.05 -3.47
C MET A 311 -7.30 8.11 -4.13
N ALA A 312 -7.50 8.01 -5.45
CA ALA A 312 -8.37 8.96 -6.14
C ALA A 312 -9.78 8.91 -5.55
N ALA A 313 -10.20 7.70 -5.17
CA ALA A 313 -11.59 7.45 -4.77
C ALA A 313 -11.84 7.54 -3.26
N MET A 314 -10.77 7.66 -2.48
CA MET A 314 -10.89 7.67 -1.01
C MET A 314 -11.72 8.83 -0.54
N THR A 315 -12.73 8.54 0.27
CA THR A 315 -13.63 9.54 0.83
C THR A 315 -12.99 10.20 2.06
N PRO A 316 -12.86 11.53 2.04
CA PRO A 316 -12.34 12.25 3.21
C PRO A 316 -13.13 11.97 4.50
N ASP A 317 -12.44 12.00 5.65
CA ASP A 317 -13.06 11.70 6.95
C ASP A 317 -12.48 12.68 7.94
N PRO A 318 -13.11 13.86 8.08
CA PRO A 318 -14.38 14.30 7.46
C PRO A 318 -14.24 15.02 6.12
N VAL A 319 -15.38 15.14 5.45
CA VAL A 319 -15.54 15.98 4.29
C VAL A 319 -15.51 17.42 4.75
N ARG A 320 -14.66 18.23 4.13
CA ARG A 320 -14.62 19.67 4.38
C ARG A 320 -13.84 20.26 3.23
N VAL A 321 -13.81 21.58 3.11
CA VAL A 321 -12.94 22.20 2.11
C VAL A 321 -11.49 21.90 2.50
N ASN A 322 -10.67 21.56 1.50
CA ASN A 322 -9.28 21.18 1.75
C ASN A 322 -9.10 20.11 2.83
N PRO A 323 -9.69 18.92 2.60
CA PRO A 323 -9.68 17.91 3.68
C PRO A 323 -8.31 17.26 3.81
N ILE A 324 -8.16 16.40 4.82
CA ILE A 324 -6.96 15.59 4.89
C ILE A 324 -7.05 14.50 3.82
N GLU A 325 -6.01 14.43 2.99
CA GLU A 325 -6.00 13.57 1.81
C GLU A 325 -4.90 12.54 1.92
N PRO A 326 -5.09 11.39 1.25
CA PRO A 326 -4.04 10.37 1.19
C PRO A 326 -2.77 10.99 0.61
N ILE A 327 -1.60 10.52 1.07
CA ILE A 327 -0.34 10.89 0.44
C ILE A 327 0.34 9.59 0.03
N MET A 328 1.25 9.65 -0.93
CA MET A 328 1.77 8.43 -1.50
C MET A 328 3.23 8.25 -1.18
N GLU A 329 3.58 7.11 -0.59
CA GLU A 329 4.98 6.81 -0.37
C GLU A 329 5.68 6.69 -1.71
N PHE A 330 6.82 7.38 -1.83
CA PHE A 330 7.62 7.33 -3.06
C PHE A 330 9.05 6.98 -2.73
N ASP A 331 9.48 5.84 -3.28
CA ASP A 331 10.79 5.28 -2.99
C ASP A 331 11.62 5.35 -4.26
N ARG A 332 12.65 6.18 -4.26
CA ARG A 332 13.52 6.26 -5.43
C ARG A 332 14.41 5.01 -5.57
N THR A 333 14.31 4.09 -4.61
CA THR A 333 15.10 2.87 -4.67
C THR A 333 14.42 1.83 -5.55
N HIS A 334 15.10 1.49 -6.62
CA HIS A 334 14.59 0.53 -7.58
C HIS A 334 13.30 1.04 -8.24
N ASN A 335 12.98 2.32 -8.05
CA ASN A 335 11.82 2.92 -8.72
C ASN A 335 11.85 2.73 -10.25
N PRO A 336 12.99 3.07 -10.91
CA PRO A 336 13.04 2.77 -12.34
C PRO A 336 12.75 1.30 -12.60
N PHE A 337 13.34 0.43 -11.79
CA PHE A 337 13.13 -1.00 -11.97
C PHE A 337 11.67 -1.40 -11.77
N ARG A 338 11.10 -0.95 -10.66
CA ARG A 338 9.74 -1.35 -10.31
C ARG A 338 8.72 -0.80 -11.30
N GLN A 339 9.04 0.35 -11.91
CA GLN A 339 8.13 0.97 -12.88
C GLN A 339 8.37 0.52 -14.32
N ALA A 340 9.40 -0.28 -14.53
CA ALA A 340 9.71 -0.81 -15.86
C ALA A 340 8.57 -1.64 -16.43
N VAL A 341 7.67 -2.14 -15.58
CA VAL A 341 6.51 -2.94 -16.04
C VAL A 341 5.46 -2.09 -16.74
N LEU A 342 5.54 -0.78 -16.56
CA LEU A 342 4.63 0.17 -17.19
C LEU A 342 5.23 0.80 -18.44
N ARG A 343 4.41 1.05 -19.44
CA ARG A 343 4.82 1.84 -20.60
C ARG A 343 5.07 3.29 -20.25
N GLU A 344 4.16 3.86 -19.44
CA GLU A 344 4.33 5.23 -18.95
C GLU A 344 4.43 5.23 -17.43
N PRO A 345 5.61 5.63 -16.90
CA PRO A 345 5.86 5.56 -15.46
C PRO A 345 5.01 6.56 -14.70
N LEU A 346 4.55 6.18 -13.51
CA LEU A 346 3.87 7.10 -12.62
C LEU A 346 4.94 7.83 -11.85
N GLU A 347 5.10 9.11 -12.14
CA GLU A 347 6.25 9.84 -11.64
C GLU A 347 5.85 11.02 -10.75
N ALA A 348 6.74 11.39 -9.84
CA ALA A 348 6.48 12.52 -8.97
C ALA A 348 7.05 13.76 -9.63
N VAL A 349 6.21 14.77 -9.79
CA VAL A 349 6.65 16.00 -10.44
C VAL A 349 6.51 17.08 -9.39
N ASN A 350 7.65 17.62 -8.93
CA ASN A 350 7.64 18.56 -7.82
C ASN A 350 6.85 18.05 -6.63
N GLY A 351 6.95 16.75 -6.38
CA GLY A 351 6.34 16.16 -5.19
C GLY A 351 4.91 15.67 -5.36
N VAL A 352 4.40 15.74 -6.58
CA VAL A 352 3.00 15.42 -6.85
C VAL A 352 2.87 14.34 -7.93
N VAL A 353 2.00 13.37 -7.70
CA VAL A 353 1.82 12.28 -8.64
C VAL A 353 0.43 12.31 -9.22
N THR A 354 0.33 12.32 -10.54
CA THR A 354 -0.97 12.40 -11.19
C THR A 354 -1.56 11.01 -11.30
N ILE A 355 -2.87 10.93 -11.08
CA ILE A 355 -3.57 9.66 -11.09
C ILE A 355 -4.22 9.39 -12.45
N PRO A 356 -3.82 8.27 -13.09
CA PRO A 356 -4.38 7.89 -14.39
C PRO A 356 -5.90 7.86 -14.37
N ASP A 357 -6.56 8.18 -15.49
CA ASP A 357 -8.01 8.18 -15.54
C ASP A 357 -8.59 7.37 -16.69
N GLY A 358 -7.73 6.60 -17.35
CA GLY A 358 -8.19 5.73 -18.42
C GLY A 358 -8.89 4.51 -17.83
N PRO A 359 -9.41 3.63 -18.70
CA PRO A 359 -10.14 2.41 -18.31
C PRO A 359 -9.30 1.51 -17.39
N GLY A 360 -9.94 0.90 -16.39
CA GLY A 360 -9.23 0.04 -15.46
C GLY A 360 -8.18 0.77 -14.63
N LEU A 361 -6.98 0.22 -14.56
CA LEU A 361 -5.87 0.84 -13.83
C LEU A 361 -5.31 2.03 -14.62
N GLY A 362 -5.79 2.21 -15.85
CA GLY A 362 -5.38 3.32 -16.69
C GLY A 362 -3.94 3.25 -17.16
N ILE A 363 -3.39 2.03 -17.19
CA ILE A 363 -1.98 1.84 -17.56
C ILE A 363 -1.82 0.83 -18.70
N GLU A 364 -0.63 0.79 -19.28
CA GLU A 364 -0.31 -0.22 -20.27
C GLU A 364 0.93 -1.00 -19.84
N ILE A 365 0.86 -2.32 -19.95
CA ILE A 365 1.93 -3.17 -19.47
C ILE A 365 3.05 -3.29 -20.51
N ASN A 366 4.30 -3.17 -20.07
CA ASN A 366 5.43 -3.48 -20.92
C ASN A 366 5.79 -4.95 -20.72
N ARG A 367 5.20 -5.82 -21.56
CA ARG A 367 5.40 -7.27 -21.47
C ARG A 367 6.85 -7.71 -21.60
N ASP A 368 7.61 -6.99 -22.43
CA ASP A 368 9.03 -7.29 -22.62
C ASP A 368 9.80 -7.29 -21.29
N ALA A 369 9.43 -6.40 -20.40
CA ALA A 369 10.06 -6.29 -19.07
C ALA A 369 9.76 -7.50 -18.18
N LEU A 370 8.77 -8.28 -18.56
CA LEU A 370 8.34 -9.43 -17.74
C LEU A 370 8.96 -10.71 -18.25
N THR A 371 8.87 -11.76 -17.45
CA THR A 371 9.27 -13.07 -17.89
C THR A 371 8.23 -14.01 -17.29
N GLU A 372 7.59 -14.85 -18.11
CA GLU A 372 6.48 -15.64 -17.60
C GLU A 372 6.99 -16.76 -16.70
N PHE A 373 6.27 -17.01 -15.61
CA PHE A 373 6.61 -18.08 -14.70
C PHE A 373 5.56 -19.19 -14.76
N ARG A 374 6.03 -20.42 -15.02
CA ARG A 374 5.17 -21.61 -15.11
C ARG A 374 4.20 -21.53 -16.28
CA CA B . 6.70 0.64 6.36
CA CA C . 17.90 13.69 -7.30
CA CA D . 5.80 9.44 27.72
CL CL E . -8.45 -10.91 7.86
CL CL F . -2.44 -6.14 -21.77
CL CL G . -0.22 -16.91 5.47
CL CL H . 7.44 4.07 -5.68
CL CL I . -14.23 6.76 -16.17
#